data_1J8R
#
_entry.id   1J8R
#
_cell.length_a   55.080
_cell.length_b   79.672
_cell.length_c   158.028
_cell.angle_alpha   90.00
_cell.angle_beta   90.00
_cell.angle_gamma   90.00
#
_symmetry.space_group_name_H-M   'I 2 2 2'
#
loop_
_entity.id
_entity.type
_entity.pdbx_description
1 polymer 'PYELONEPHRITIC ADHESIN'
2 branched 2-acetamido-2-deoxy-beta-D-galactopyranose-(1-3)-alpha-D-galactopyranose-(1-4)-beta-D-galactopyranose-(1-4)-beta-D-glucopyranose
3 water water
#
_entity_poly.entity_id   1
_entity_poly.type   'polypeptide(L)'
_entity_poly.pdbx_seq_one_letter_code
;WNNIVFYSLGDVNSYQGGNVVITQRPQFITSWRPGIATVTWNQCNGPEFADGFWAYYREYIAWVVFPKKV(MSE)TQNGY
PLFIEVHNKGSWSEENTGDNDSYFFLKGYKWDERAFDAGNLCQKPGEITRLTEKFDDIIFKVALPADLPLGDYSVKIPYT
SG(MSE)QRHFASYLGARFKIPYNVAKTLPRENE(MSE)LFLFKNIGG
;
_entity_poly.pdbx_strand_id   A
#
loop_
_chem_comp.id
_chem_comp.type
_chem_comp.name
_chem_comp.formula
BGC D-saccharide, beta linking beta-D-glucopyranose 'C6 H12 O6'
GAL D-saccharide, beta linking beta-D-galactopyranose 'C6 H12 O6'
GLA D-saccharide, alpha linking alpha-D-galactopyranose 'C6 H12 O6'
NGA D-saccharide, beta linking 2-acetamido-2-deoxy-beta-D-galactopyranose 'C8 H15 N O6'
#
# COMPACT_ATOMS: atom_id res chain seq x y z
N TRP A 1 20.01 18.56 -1.04
CA TRP A 1 19.65 17.47 -0.09
C TRP A 1 18.31 16.85 -0.47
N ASN A 2 18.05 15.67 0.08
CA ASN A 2 16.83 14.91 -0.17
C ASN A 2 16.42 14.18 1.11
N ASN A 3 15.17 14.37 1.52
CA ASN A 3 14.64 13.70 2.69
C ASN A 3 13.44 12.91 2.16
N ILE A 4 13.35 11.62 2.45
CA ILE A 4 12.21 10.84 2.00
C ILE A 4 11.68 10.11 3.23
N VAL A 5 10.38 10.19 3.45
CA VAL A 5 9.74 9.57 4.60
C VAL A 5 8.54 8.77 4.13
N PHE A 6 8.43 7.54 4.62
CA PHE A 6 7.27 6.73 4.25
C PHE A 6 6.29 6.65 5.40
N TYR A 7 5.09 7.15 5.15
CA TYR A 7 3.99 7.16 6.10
C TYR A 7 3.04 6.00 5.78
N SER A 8 3.02 5.03 6.69
CA SER A 8 2.25 3.80 6.55
C SER A 8 0.87 3.80 7.17
N LEU A 9 -0.13 3.44 6.38
CA LEU A 9 -1.49 3.37 6.88
C LEU A 9 -1.75 1.97 7.47
N GLY A 10 -2.65 1.86 8.43
CA GLY A 10 -2.90 0.56 9.02
C GLY A 10 -4.32 0.30 9.47
N ASP A 11 -5.24 0.20 8.53
CA ASP A 11 -6.62 -0.05 8.89
C ASP A 11 -6.93 -1.49 8.56
N VAL A 12 -8.00 -2.02 9.15
CA VAL A 12 -8.41 -3.38 8.86
C VAL A 12 -9.74 -3.22 8.18
N ASN A 13 -9.98 -4.03 7.15
CA ASN A 13 -11.24 -3.94 6.45
C ASN A 13 -11.74 -5.34 6.15
N SER A 14 -13.02 -5.43 5.84
CA SER A 14 -13.64 -6.70 5.50
C SER A 14 -14.31 -6.53 4.16
N TYR A 15 -14.42 -7.65 3.45
CA TYR A 15 -15.11 -7.67 2.18
C TYR A 15 -15.82 -9.00 2.14
N GLN A 16 -17.14 -8.93 1.93
CA GLN A 16 -17.96 -10.13 1.88
C GLN A 16 -18.02 -10.65 0.45
N GLY A 17 -17.51 -11.86 0.25
CA GLY A 17 -17.54 -12.44 -1.09
C GLY A 17 -18.72 -13.37 -1.27
N GLY A 18 -19.36 -13.73 -0.16
CA GLY A 18 -20.52 -14.62 -0.20
C GLY A 18 -20.19 -16.07 -0.45
N ASN A 19 -21.16 -16.79 -0.99
CA ASN A 19 -20.96 -18.20 -1.32
C ASN A 19 -20.20 -18.26 -2.63
N VAL A 20 -19.22 -19.16 -2.70
CA VAL A 20 -18.40 -19.30 -3.89
C VAL A 20 -18.08 -20.78 -4.13
N VAL A 21 -17.72 -21.10 -5.36
CA VAL A 21 -17.35 -22.47 -5.71
C VAL A 21 -15.91 -22.36 -6.20
N ILE A 22 -15.14 -23.45 -6.12
CA ILE A 22 -13.72 -23.40 -6.49
C ILE A 22 -13.37 -23.21 -7.96
N THR A 23 -14.38 -23.15 -8.82
CA THR A 23 -14.18 -22.91 -10.26
C THR A 23 -14.34 -21.40 -10.53
N GLN A 24 -14.79 -20.65 -9.52
CA GLN A 24 -14.97 -19.19 -9.67
C GLN A 24 -13.75 -18.46 -9.11
N ARG A 25 -13.64 -17.18 -9.44
CA ARG A 25 -12.58 -16.33 -8.92
C ARG A 25 -13.27 -15.13 -8.25
N PRO A 26 -13.71 -15.30 -6.99
CA PRO A 26 -14.38 -14.23 -6.26
C PRO A 26 -13.52 -12.98 -6.17
N GLN A 27 -14.11 -11.80 -6.33
CA GLN A 27 -13.32 -10.57 -6.25
C GLN A 27 -13.46 -9.91 -4.89
N PHE A 28 -12.56 -8.97 -4.61
CA PHE A 28 -12.68 -8.15 -3.39
C PHE A 28 -12.09 -6.81 -3.77
N ILE A 29 -12.64 -5.75 -3.16
CA ILE A 29 -12.24 -4.39 -3.44
C ILE A 29 -11.39 -3.86 -2.30
N THR A 30 -10.25 -3.30 -2.68
CA THR A 30 -9.32 -2.73 -1.73
C THR A 30 -9.42 -1.22 -1.95
N SER A 31 -9.86 -0.53 -0.92
CA SER A 31 -10.01 0.92 -0.99
C SER A 31 -8.99 1.64 -0.12
N TRP A 32 -8.57 2.80 -0.58
CA TRP A 32 -7.62 3.63 0.13
C TRP A 32 -8.43 4.45 1.14
N ARG A 33 -8.08 4.32 2.42
CA ARG A 33 -8.80 5.04 3.44
C ARG A 33 -7.96 6.06 4.18
N PRO A 34 -8.32 7.34 4.04
CA PRO A 34 -7.56 8.40 4.73
C PRO A 34 -7.58 8.05 6.22
N GLY A 35 -6.50 8.31 6.92
CA GLY A 35 -6.43 8.00 8.33
C GLY A 35 -5.06 8.34 8.91
N ILE A 36 -4.76 7.84 10.10
CA ILE A 36 -3.48 8.13 10.72
C ILE A 36 -2.40 7.22 10.13
N ALA A 37 -1.26 7.80 9.78
CA ALA A 37 -0.15 7.03 9.23
C ALA A 37 1.03 7.09 10.18
N THR A 38 1.83 6.03 10.16
CA THR A 38 3.00 5.91 11.01
C THR A 38 4.25 5.79 10.14
N VAL A 39 5.29 6.56 10.45
CA VAL A 39 6.52 6.47 9.69
C VAL A 39 7.14 5.08 9.94
N THR A 40 7.44 4.35 8.86
CA THR A 40 8.05 3.03 9.00
C THR A 40 9.39 3.00 8.28
N TRP A 41 9.77 4.10 7.65
CA TRP A 41 11.04 4.15 6.93
C TRP A 41 11.37 5.58 6.50
N ASN A 42 12.65 5.92 6.47
CA ASN A 42 13.04 7.23 5.97
C ASN A 42 14.49 7.20 5.51
N GLN A 43 14.88 8.21 4.77
CA GLN A 43 16.25 8.34 4.27
C GLN A 43 16.41 9.84 4.14
N CYS A 44 17.28 10.42 4.96
CA CYS A 44 17.44 11.87 4.94
C CYS A 44 18.85 12.37 5.11
N ASN A 45 19.20 13.44 4.39
CA ASN A 45 20.50 14.07 4.53
C ASN A 45 20.34 15.58 4.58
N GLY A 46 19.09 16.02 4.69
CA GLY A 46 18.81 17.44 4.74
C GLY A 46 18.47 17.94 6.14
N PRO A 47 17.80 19.09 6.24
CA PRO A 47 17.43 19.66 7.55
C PRO A 47 16.28 18.88 8.18
N GLU A 48 16.15 18.94 9.50
CA GLU A 48 15.05 18.22 10.15
C GLU A 48 13.77 19.04 10.14
N PHE A 49 13.87 20.35 10.36
CA PHE A 49 12.68 21.20 10.39
C PHE A 49 12.76 22.41 9.44
N ALA A 50 11.62 22.75 8.83
CA ALA A 50 11.50 23.93 7.97
C ALA A 50 10.72 24.89 8.89
N ASP A 51 11.27 26.07 9.15
CA ASP A 51 10.62 26.99 10.06
C ASP A 51 9.65 27.99 9.45
N GLY A 52 9.40 27.88 8.15
CA GLY A 52 8.49 28.80 7.51
C GLY A 52 9.15 29.87 6.64
N PHE A 53 10.43 30.12 6.88
CA PHE A 53 11.15 31.13 6.10
C PHE A 53 11.81 30.58 4.84
N TRP A 54 11.86 29.26 4.72
CA TRP A 54 12.59 28.66 3.60
C TRP A 54 11.87 27.71 2.67
N ALA A 55 12.20 27.77 1.39
CA ALA A 55 11.56 26.90 0.42
C ALA A 55 12.21 25.53 0.25
N TYR A 56 11.37 24.56 -0.12
CA TYR A 56 11.81 23.21 -0.43
C TYR A 56 10.80 22.71 -1.48
N TYR A 57 11.08 21.57 -2.07
CA TYR A 57 10.20 21.02 -3.10
C TYR A 57 9.63 19.66 -2.72
N ARG A 58 8.34 19.48 -2.98
CA ARG A 58 7.65 18.23 -2.67
C ARG A 58 7.45 17.27 -3.84
N GLU A 59 7.66 15.98 -3.57
CA GLU A 59 7.35 14.94 -4.55
C GLU A 59 6.66 13.87 -3.70
N TYR A 60 5.36 13.66 -3.92
CA TYR A 60 4.61 12.66 -3.14
C TYR A 60 4.16 11.49 -4.03
N ILE A 61 4.36 10.28 -3.55
CA ILE A 61 3.98 9.07 -4.28
C ILE A 61 3.25 8.09 -3.36
N ALA A 62 2.02 7.74 -3.71
CA ALA A 62 1.27 6.78 -2.91
C ALA A 62 1.74 5.39 -3.30
N TRP A 63 1.78 4.50 -2.32
CA TRP A 63 2.20 3.11 -2.54
C TRP A 63 1.21 2.09 -1.97
N VAL A 64 1.11 0.95 -2.64
CA VAL A 64 0.34 -0.19 -2.15
C VAL A 64 1.21 -1.39 -2.56
N VAL A 65 1.58 -2.25 -1.61
CA VAL A 65 2.37 -3.44 -1.93
C VAL A 65 1.45 -4.52 -1.43
N PHE A 66 1.03 -5.38 -2.36
CA PHE A 66 0.04 -6.41 -2.05
C PHE A 66 0.55 -7.81 -2.41
N PRO A 67 0.33 -8.80 -1.53
CA PRO A 67 0.77 -10.18 -1.79
C PRO A 67 0.07 -10.83 -2.98
N LYS A 68 0.81 -11.68 -3.69
CA LYS A 68 0.26 -12.40 -4.83
C LYS A 68 -0.32 -13.72 -4.37
N LYS A 69 0.00 -14.11 -3.13
CA LYS A 69 -0.50 -15.35 -2.57
C LYS A 69 -0.68 -15.20 -1.06
N VAL A 70 -1.70 -15.86 -0.50
CA VAL A 70 -1.93 -15.84 0.93
C VAL A 70 -2.38 -17.24 1.36
N MSE A 71 -1.92 -17.69 2.52
CA MSE A 71 -2.30 -19.00 3.06
C MSE A 71 -3.53 -18.84 3.96
O MSE A 71 -3.61 -17.94 4.78
CB MSE A 71 -1.17 -19.58 3.89
CG MSE A 71 0.15 -19.72 3.16
SE MSE A 71 -0.05 -20.95 1.66
CE MSE A 71 -0.93 -22.38 2.63
N THR A 72 -4.51 -19.74 3.79
CA THR A 72 -5.69 -19.68 4.63
C THR A 72 -5.30 -20.21 6.02
N GLN A 73 -6.17 -20.00 7.00
CA GLN A 73 -5.89 -20.46 8.35
C GLN A 73 -5.69 -21.97 8.31
N ASN A 74 -6.52 -22.69 7.56
CA ASN A 74 -6.33 -24.14 7.53
C ASN A 74 -5.25 -24.65 6.59
N GLY A 75 -4.34 -23.78 6.18
CA GLY A 75 -3.22 -24.23 5.35
C GLY A 75 -3.31 -24.34 3.83
N TYR A 76 -4.23 -23.61 3.20
CA TYR A 76 -4.35 -23.66 1.75
C TYR A 76 -3.95 -22.35 1.08
N PRO A 77 -3.24 -22.43 -0.06
CA PRO A 77 -2.82 -21.22 -0.77
C PRO A 77 -3.92 -20.62 -1.64
N LEU A 78 -4.11 -19.31 -1.53
CA LEU A 78 -5.08 -18.61 -2.36
C LEU A 78 -4.21 -17.76 -3.28
N PHE A 79 -4.59 -17.70 -4.55
CA PHE A 79 -3.83 -16.95 -5.53
C PHE A 79 -4.52 -15.62 -5.83
N ILE A 80 -3.84 -14.53 -5.51
CA ILE A 80 -4.39 -13.20 -5.72
C ILE A 80 -4.00 -12.64 -7.08
N GLU A 81 -5.00 -12.19 -7.83
CA GLU A 81 -4.75 -11.62 -9.14
C GLU A 81 -5.39 -10.22 -9.22
N VAL A 82 -4.79 -9.33 -10.00
CA VAL A 82 -5.34 -7.98 -10.14
C VAL A 82 -6.47 -8.06 -11.15
N HIS A 83 -7.64 -7.51 -10.82
CA HIS A 83 -8.75 -7.52 -11.75
C HIS A 83 -8.91 -6.13 -12.39
N ASN A 84 -8.81 -5.11 -11.56
CA ASN A 84 -8.92 -3.74 -12.04
C ASN A 84 -8.03 -2.86 -11.16
N LYS A 85 -6.91 -2.40 -11.70
CA LYS A 85 -5.96 -1.56 -10.96
C LYS A 85 -6.33 -0.07 -11.03
N GLY A 86 -7.41 0.27 -11.70
CA GLY A 86 -7.81 1.66 -11.80
C GLY A 86 -6.70 2.51 -12.40
N SER A 87 -6.44 3.67 -11.82
CA SER A 87 -5.40 4.55 -12.35
C SER A 87 -4.01 4.26 -11.80
N TRP A 88 -3.88 3.24 -10.96
CA TRP A 88 -2.59 2.91 -10.36
C TRP A 88 -1.52 2.41 -11.33
N SER A 89 -0.28 2.81 -11.09
CA SER A 89 0.82 2.35 -11.93
C SER A 89 1.30 1.03 -11.34
N GLU A 90 1.03 -0.07 -12.04
CA GLU A 90 1.44 -1.39 -11.57
C GLU A 90 2.87 -1.63 -12.08
N GLU A 91 3.82 -1.71 -11.16
CA GLU A 91 5.23 -1.84 -11.52
C GLU A 91 5.95 -3.06 -10.96
N ASN A 92 7.20 -3.22 -11.36
CA ASN A 92 8.04 -4.31 -10.92
C ASN A 92 7.25 -5.61 -11.03
N THR A 93 6.57 -5.78 -12.16
CA THR A 93 5.72 -6.95 -12.41
C THR A 93 6.42 -8.31 -12.33
N GLY A 94 7.73 -8.32 -12.52
CA GLY A 94 8.46 -9.57 -12.44
C GLY A 94 8.54 -10.22 -11.07
N ASP A 95 8.29 -9.47 -10.00
CA ASP A 95 8.38 -10.04 -8.67
C ASP A 95 7.41 -11.22 -8.49
N ASN A 96 7.89 -12.31 -7.91
CA ASN A 96 7.06 -13.50 -7.70
C ASN A 96 6.11 -13.44 -6.52
N ASP A 97 6.40 -12.59 -5.55
CA ASP A 97 5.58 -12.56 -4.34
C ASP A 97 4.65 -11.40 -4.06
N SER A 98 4.91 -10.24 -4.68
CA SER A 98 4.10 -9.05 -4.40
C SER A 98 3.81 -8.18 -5.58
N TYR A 99 2.67 -7.48 -5.52
CA TYR A 99 2.31 -6.50 -6.55
C TYR A 99 2.80 -5.17 -5.97
N PHE A 100 3.13 -4.24 -6.86
CA PHE A 100 3.57 -2.91 -6.44
C PHE A 100 2.73 -1.94 -7.24
N PHE A 101 1.95 -1.12 -6.54
CA PHE A 101 1.12 -0.12 -7.20
C PHE A 101 1.58 1.26 -6.69
N LEU A 102 1.82 2.18 -7.62
CA LEU A 102 2.26 3.51 -7.23
C LEU A 102 1.43 4.59 -7.90
N LYS A 103 1.29 5.72 -7.23
CA LYS A 103 0.60 6.84 -7.81
C LYS A 103 1.32 8.12 -7.38
N GLY A 104 2.17 8.61 -8.29
CA GLY A 104 2.95 9.82 -8.06
C GLY A 104 2.11 10.95 -8.60
N TYR A 105 1.51 11.73 -7.70
CA TYR A 105 0.60 12.81 -8.09
C TYR A 105 1.09 14.20 -7.78
N LYS A 106 2.28 14.33 -7.22
CA LYS A 106 2.78 15.65 -6.90
C LYS A 106 4.29 15.63 -7.12
N TRP A 107 4.81 16.61 -7.83
CA TRP A 107 6.25 16.67 -8.07
C TRP A 107 6.66 18.11 -8.33
N ASP A 108 7.94 18.41 -8.09
CA ASP A 108 8.46 19.77 -8.31
C ASP A 108 7.63 20.86 -7.65
N GLU A 109 6.93 20.54 -6.55
CA GLU A 109 6.09 21.55 -5.89
C GLU A 109 6.79 22.34 -4.81
N ARG A 110 7.06 23.63 -5.08
CA ARG A 110 7.72 24.47 -4.11
C ARG A 110 6.81 24.82 -2.96
N ALA A 111 7.33 24.78 -1.75
CA ALA A 111 6.55 25.11 -0.57
C ALA A 111 7.44 25.72 0.50
N PHE A 112 6.85 26.57 1.32
CA PHE A 112 7.55 27.18 2.45
C PHE A 112 6.96 26.66 3.75
N ASP A 113 5.90 25.85 3.66
CA ASP A 113 5.21 25.33 4.85
C ASP A 113 6.10 24.81 5.95
N ALA A 114 5.96 25.38 7.15
CA ALA A 114 6.77 24.93 8.26
C ALA A 114 6.40 23.51 8.63
N GLY A 115 7.37 22.74 9.14
CA GLY A 115 7.09 21.37 9.53
C GLY A 115 8.33 20.52 9.66
N ASN A 116 8.15 19.28 10.10
CA ASN A 116 9.25 18.36 10.29
C ASN A 116 9.40 17.64 8.95
N LEU A 117 10.53 17.84 8.28
CA LEU A 117 10.79 17.24 6.98
C LEU A 117 11.53 15.90 7.04
N CYS A 118 11.65 15.31 8.23
CA CYS A 118 12.26 13.99 8.35
C CYS A 118 11.82 13.32 9.65
N GLN A 119 10.52 13.05 9.76
CA GLN A 119 9.99 12.39 10.94
C GLN A 119 10.57 10.99 11.01
N LYS A 120 10.87 10.56 12.23
CA LYS A 120 11.50 9.28 12.49
C LYS A 120 10.49 8.14 12.62
N PRO A 121 10.96 6.90 12.43
CA PRO A 121 10.07 5.75 12.52
C PRO A 121 9.26 5.80 13.81
N GLY A 122 7.97 5.50 13.69
CA GLY A 122 7.12 5.53 14.87
C GLY A 122 6.32 6.80 14.98
N GLU A 123 6.81 7.88 14.37
CA GLU A 123 6.09 9.15 14.42
C GLU A 123 4.83 9.05 13.56
N ILE A 124 3.83 9.87 13.85
CA ILE A 124 2.58 9.79 13.12
C ILE A 124 2.13 11.11 12.53
N THR A 125 1.16 11.04 11.63
CA THR A 125 0.58 12.22 10.99
C THR A 125 -0.72 11.77 10.37
N ARG A 126 -1.62 12.71 10.08
CA ARG A 126 -2.88 12.33 9.46
C ARG A 126 -2.84 12.52 7.94
N LEU A 127 -3.17 11.47 7.20
CA LEU A 127 -3.19 11.55 5.74
C LEU A 127 -4.63 11.68 5.33
N THR A 128 -4.96 12.77 4.67
CA THR A 128 -6.32 13.02 4.23
C THR A 128 -6.55 12.76 2.72
N GLU A 129 -5.49 12.43 1.99
CA GLU A 129 -5.64 12.16 0.56
C GLU A 129 -6.43 10.86 0.29
N LYS A 130 -7.10 10.82 -0.85
CA LYS A 130 -7.88 9.68 -1.28
C LYS A 130 -7.32 9.17 -2.62
N PHE A 131 -7.22 7.86 -2.78
CA PHE A 131 -6.75 7.30 -4.04
C PHE A 131 -7.76 6.26 -4.50
N ASP A 132 -7.63 5.88 -5.76
CA ASP A 132 -8.50 4.93 -6.44
C ASP A 132 -8.52 3.56 -5.77
N ASP A 133 -9.61 2.83 -5.97
CA ASP A 133 -9.73 1.48 -5.44
C ASP A 133 -8.90 0.56 -6.34
N ILE A 134 -8.68 -0.66 -5.87
CA ILE A 134 -7.99 -1.68 -6.65
C ILE A 134 -8.86 -2.92 -6.41
N ILE A 135 -9.29 -3.55 -7.50
CA ILE A 135 -10.11 -4.74 -7.38
C ILE A 135 -9.26 -5.95 -7.72
N PHE A 136 -9.30 -6.94 -6.84
CA PHE A 136 -8.55 -8.18 -7.03
C PHE A 136 -9.56 -9.32 -7.15
N LYS A 137 -9.10 -10.45 -7.69
CA LYS A 137 -9.93 -11.63 -7.79
C LYS A 137 -9.01 -12.72 -7.23
N VAL A 138 -9.60 -13.76 -6.66
CA VAL A 138 -8.81 -14.81 -6.06
C VAL A 138 -9.08 -16.16 -6.69
N ALA A 139 -8.04 -16.94 -6.97
CA ALA A 139 -8.25 -18.28 -7.50
C ALA A 139 -8.11 -19.20 -6.28
N LEU A 140 -9.12 -20.05 -6.08
CA LEU A 140 -9.14 -20.97 -4.98
C LEU A 140 -8.64 -22.33 -5.43
N PRO A 141 -7.82 -22.98 -4.60
CA PRO A 141 -7.32 -24.30 -5.00
C PRO A 141 -8.48 -25.28 -4.94
N ALA A 142 -8.57 -26.18 -5.92
CA ALA A 142 -9.68 -27.13 -5.98
C ALA A 142 -9.85 -27.99 -4.72
N ASP A 143 -8.75 -28.26 -4.03
CA ASP A 143 -8.78 -29.06 -2.81
C ASP A 143 -9.12 -28.29 -1.52
N LEU A 144 -9.57 -27.04 -1.67
CA LEU A 144 -9.93 -26.20 -0.53
C LEU A 144 -11.15 -26.79 0.21
N PRO A 145 -11.03 -27.03 1.53
CA PRO A 145 -12.19 -27.60 2.24
C PRO A 145 -13.41 -26.70 2.18
N LEU A 146 -14.58 -27.33 2.22
CA LEU A 146 -15.84 -26.59 2.19
C LEU A 146 -15.95 -25.84 3.51
N GLY A 147 -16.73 -24.77 3.53
CA GLY A 147 -16.89 -24.05 4.78
C GLY A 147 -16.68 -22.56 4.71
N ASP A 148 -16.81 -21.93 5.87
CA ASP A 148 -16.65 -20.49 5.97
C ASP A 148 -15.20 -20.09 6.04
N TYR A 149 -14.88 -19.01 5.35
CA TYR A 149 -13.51 -18.51 5.36
C TYR A 149 -13.45 -17.03 5.72
N SER A 150 -12.42 -16.68 6.48
CA SER A 150 -12.17 -15.32 6.90
C SER A 150 -10.66 -15.25 6.70
N VAL A 151 -10.25 -14.76 5.53
CA VAL A 151 -8.82 -14.74 5.23
C VAL A 151 -8.19 -13.37 5.46
N LYS A 152 -7.20 -13.36 6.34
CA LYS A 152 -6.47 -12.15 6.69
C LYS A 152 -5.40 -11.95 5.66
N ILE A 153 -5.48 -10.86 4.91
CA ILE A 153 -4.50 -10.55 3.89
C ILE A 153 -3.74 -9.27 4.28
N PRO A 154 -2.52 -9.42 4.81
CA PRO A 154 -1.76 -8.22 5.20
C PRO A 154 -1.18 -7.54 3.98
N TYR A 155 -1.17 -6.22 3.99
CA TYR A 155 -0.54 -5.49 2.89
C TYR A 155 -0.08 -4.12 3.35
N THR A 156 0.75 -3.48 2.52
CA THR A 156 1.26 -2.15 2.86
C THR A 156 0.61 -1.09 2.00
N SER A 157 0.24 0.03 2.61
CA SER A 157 -0.27 1.15 1.80
C SER A 157 0.27 2.37 2.55
N GLY A 158 0.57 3.42 1.82
CA GLY A 158 1.07 4.58 2.52
C GLY A 158 1.54 5.64 1.56
N MSE A 159 2.10 6.70 2.11
CA MSE A 159 2.55 7.81 1.33
C MSE A 159 4.04 8.02 1.43
O MSE A 159 4.57 8.18 2.52
CB MSE A 159 1.84 9.09 1.80
CG MSE A 159 2.15 10.37 1.02
SE MSE A 159 1.37 10.29 -0.74
CE MSE A 159 -0.52 10.47 -0.23
N GLN A 160 4.71 8.05 0.29
CA GLN A 160 6.12 8.36 0.26
C GLN A 160 6.19 9.90 0.08
N ARG A 161 6.76 10.61 1.05
CA ARG A 161 6.91 12.04 0.92
C ARG A 161 8.39 12.34 0.79
N HIS A 162 8.73 13.01 -0.31
CA HIS A 162 10.10 13.37 -0.63
C HIS A 162 10.25 14.89 -0.66
N PHE A 163 11.07 15.41 0.24
CA PHE A 163 11.33 16.83 0.29
C PHE A 163 12.76 17.02 -0.23
N ALA A 164 12.98 18.05 -1.06
CA ALA A 164 14.30 18.33 -1.60
C ALA A 164 14.59 19.84 -1.69
N SER A 165 15.88 20.17 -1.73
CA SER A 165 16.32 21.57 -1.83
C SER A 165 16.32 22.11 -3.26
N TYR A 166 15.97 21.28 -4.25
CA TYR A 166 16.02 21.72 -5.65
C TYR A 166 14.87 21.23 -6.51
N LEU A 167 14.66 21.93 -7.62
CA LEU A 167 13.62 21.65 -8.59
C LEU A 167 14.04 20.49 -9.50
N GLY A 168 13.09 19.61 -9.80
CA GLY A 168 13.38 18.47 -10.64
C GLY A 168 13.79 17.26 -9.82
N ALA A 169 13.64 17.35 -8.50
CA ALA A 169 14.02 16.24 -7.65
C ALA A 169 13.13 15.02 -7.81
N ARG A 170 13.77 13.86 -7.97
CA ARG A 170 13.05 12.62 -8.15
C ARG A 170 13.64 11.51 -7.30
N PHE A 171 12.75 10.76 -6.64
CA PHE A 171 13.20 9.62 -5.83
C PHE A 171 12.05 8.65 -5.68
N LYS A 172 12.36 7.37 -5.82
CA LYS A 172 11.35 6.34 -5.63
C LYS A 172 11.96 5.36 -4.65
N ILE A 173 11.21 4.99 -3.63
CA ILE A 173 11.70 3.99 -2.69
C ILE A 173 11.95 2.73 -3.54
N PRO A 174 13.13 2.11 -3.37
CA PRO A 174 13.47 0.90 -4.14
C PRO A 174 12.44 -0.20 -3.87
N TYR A 175 12.05 -0.93 -4.92
CA TYR A 175 11.08 -2.01 -4.73
C TYR A 175 11.50 -2.99 -3.66
N ASN A 176 12.79 -3.31 -3.63
CA ASN A 176 13.29 -4.26 -2.64
C ASN A 176 13.12 -3.75 -1.21
N VAL A 177 13.10 -2.42 -1.02
CA VAL A 177 12.86 -1.88 0.31
C VAL A 177 11.33 -1.93 0.56
N ALA A 178 10.56 -1.43 -0.39
CA ALA A 178 9.11 -1.42 -0.28
C ALA A 178 8.53 -2.79 0.04
N LYS A 179 9.06 -3.82 -0.62
CA LYS A 179 8.55 -5.16 -0.40
C LYS A 179 8.71 -5.60 1.04
N THR A 180 9.66 -4.99 1.75
CA THR A 180 9.95 -5.31 3.15
C THR A 180 9.27 -4.44 4.19
N LEU A 181 8.63 -3.35 3.75
CA LEU A 181 7.97 -2.46 4.70
C LEU A 181 6.91 -3.18 5.49
N PRO A 182 6.65 -2.74 6.73
CA PRO A 182 5.62 -3.38 7.56
C PRO A 182 4.31 -3.38 6.77
N ARG A 183 3.58 -4.49 6.82
CA ARG A 183 2.31 -4.61 6.13
C ARG A 183 1.26 -4.40 7.20
N GLU A 184 0.95 -3.13 7.46
CA GLU A 184 0.05 -2.78 8.55
C GLU A 184 -1.42 -2.79 8.23
N ASN A 185 -1.77 -2.85 6.95
CA ASN A 185 -3.16 -2.95 6.58
C ASN A 185 -3.55 -4.40 6.58
N GLU A 186 -4.84 -4.65 6.65
CA GLU A 186 -5.35 -5.99 6.61
C GLU A 186 -6.69 -6.02 5.92
N MSE A 187 -6.81 -6.91 4.94
CA MSE A 187 -8.08 -7.08 4.26
C MSE A 187 -8.55 -8.40 4.85
O MSE A 187 -7.78 -9.36 4.89
CB MSE A 187 -7.88 -7.23 2.75
CG MSE A 187 -9.02 -7.96 2.04
SE MSE A 187 -10.81 -7.28 2.47
CE MSE A 187 -10.75 -5.69 1.35
N LEU A 188 -9.79 -8.44 5.33
CA LEU A 188 -10.30 -9.68 5.87
C LEU A 188 -11.30 -10.15 4.83
N PHE A 189 -10.88 -11.11 4.00
CA PHE A 189 -11.71 -11.61 2.93
C PHE A 189 -12.56 -12.76 3.44
N LEU A 190 -13.87 -12.56 3.36
CA LEU A 190 -14.84 -13.54 3.83
C LEU A 190 -15.56 -14.21 2.67
N PHE A 191 -15.85 -15.48 2.81
CA PHE A 191 -16.58 -16.20 1.78
C PHE A 191 -16.86 -17.60 2.28
N LYS A 192 -17.85 -18.24 1.69
CA LYS A 192 -18.16 -19.60 2.07
C LYS A 192 -17.96 -20.49 0.85
N ASN A 193 -17.06 -21.46 0.97
CA ASN A 193 -16.80 -22.36 -0.15
C ASN A 193 -17.87 -23.44 -0.11
N ILE A 194 -18.79 -23.41 -1.06
CA ILE A 194 -19.84 -24.42 -1.09
C ILE A 194 -19.55 -25.59 -2.04
N GLY A 195 -18.29 -25.70 -2.50
CA GLY A 195 -17.93 -26.81 -3.35
C GLY A 195 -17.42 -26.52 -4.75
N GLY A 196 -17.87 -27.35 -5.70
CA GLY A 196 -17.48 -27.20 -7.09
C GLY A 196 -16.43 -28.19 -7.56
C2 BGC B . 8.11 15.86 -15.81
C3 BGC B . 7.81 14.46 -15.30
C4 BGC B . 6.29 14.21 -15.44
C5 BGC B . 5.87 14.39 -16.93
C6 BGC B . 4.39 14.20 -17.16
C1 BGC B . 7.63 16.02 -17.26
O1 BGC B . 7.85 17.30 -17.73
O2 BGC B . 9.51 16.12 -15.73
O3 BGC B . 8.22 14.33 -13.94
O4 BGC B . 5.97 12.86 -15.06
O5 BGC B . 6.22 15.73 -17.39
O6 BGC B . 3.63 15.34 -16.72
C1 GAL B . 5.33 12.54 -13.81
C2 GAL B . 4.40 11.33 -13.72
C3 GAL B . 3.89 11.17 -12.29
C4 GAL B . 5.07 10.90 -11.40
C5 GAL B . 6.07 12.16 -11.49
C6 GAL B . 7.36 12.15 -10.68
O2 GAL B . 3.31 11.56 -14.62
O3 GAL B . 3.04 10.04 -12.22
O4 GAL B . 6.23 10.09 -11.40
O5 GAL B . 6.46 12.43 -12.90
O6 GAL B . 7.07 12.22 -9.29
C1 GLA B . 6.38 9.00 -10.49
C2 GLA B . 7.57 8.14 -10.92
C3 GLA B . 7.21 7.29 -12.12
C4 GLA B . 5.98 6.35 -11.78
C5 GLA B . 4.81 7.23 -11.40
C6 GLA B . 3.52 6.44 -10.99
O2 GLA B . 8.66 8.94 -11.19
O3 GLA B . 8.37 6.51 -12.47
O4 GLA B . 6.26 5.50 -10.73
O5 GLA B . 5.23 8.18 -10.30
O6 GLA B . 2.46 7.39 -10.72
C1 NGA B . 8.44 5.86 -13.75
C2 NGA B . 9.88 5.67 -14.05
C3 NGA B . 10.08 4.99 -15.38
C4 NGA B . 9.36 3.62 -15.33
C5 NGA B . 7.81 3.88 -15.02
C6 NGA B . 6.85 2.69 -14.89
C7 NGA B . 11.32 7.38 -13.01
C8 NGA B . 12.12 6.37 -12.19
N2 NGA B . 10.57 6.95 -14.05
O3 NGA B . 11.50 4.86 -15.59
O4 NGA B . 10.01 2.80 -14.37
O5 NGA B . 7.65 4.64 -13.79
O6 NGA B . 7.43 1.77 -13.99
O7 NGA B . 11.38 8.55 -12.70
#